data_6SY9
#
_entry.id   6SY9
#
_cell.length_a   50.100
_cell.length_b   67.840
_cell.length_c   116.600
_cell.angle_alpha   90.000
_cell.angle_beta   90.000
_cell.angle_gamma   90.000
#
_symmetry.space_group_name_H-M   'P 21 21 21'
#
loop_
_entity.id
_entity.type
_entity.pdbx_description
1 polymer 'Response regulator'
2 water water
#
_entity_poly.entity_id   1
_entity_poly.type   'polypeptide(L)'
_entity_poly.pdbx_seq_one_letter_code
;MGSSHHHHHHSSGLVPRGSHMQHFSIPTCYFPSTAVFVDDSRDFLLNFVLQLDEGLAYRVFDSPFEALDCIKQKRCELEL
LSERCLSEYTEAKNCPLTNHTINLDLAAIHAEVYNSRRFSEISVVVVDYAMPGMDGLEFCRRIEDTNIKKILLTGQADEK
LAIAAFNEGLIHRYIKKSDPDVASLITQSIHDLQLQYFQSMSDMIVRMLSVTSPNCLHDKKYAELFWRLCREKGIVEFYL
ADNSGSFLMLDDDANISFLIVKNEADMQLHYDLALDNGASGDVLDQLHNGEKIPCFWQSNLVTPQWNEWSNCLVPANRFV
SDETYFYAYVQGAVLFDVRLDKILSYHQYLEELDAEEMFLN
;
_entity_poly.pdbx_strand_id   A
#
# COMPACT_ATOMS: atom_id res chain seq x y z
N GLN A 22 7.89 0.33 12.80
CA GLN A 22 8.25 1.58 13.45
C GLN A 22 8.25 2.74 12.46
N HIS A 23 8.69 2.46 11.24
CA HIS A 23 8.76 3.48 10.20
C HIS A 23 7.80 3.13 9.06
N PHE A 24 7.53 4.14 8.23
CA PHE A 24 6.65 4.02 7.08
C PHE A 24 5.27 3.49 7.48
N SER A 25 4.69 4.11 8.51
CA SER A 25 3.30 3.84 8.83
C SER A 25 2.40 4.14 7.64
N ILE A 26 2.81 5.09 6.79
CA ILE A 26 2.31 5.26 5.44
C ILE A 26 3.40 4.80 4.49
N PRO A 27 3.17 3.78 3.67
CA PRO A 27 4.20 3.35 2.72
C PRO A 27 4.33 4.34 1.58
N THR A 28 5.47 4.25 0.87
CA THR A 28 5.68 5.10 -0.29
C THR A 28 4.69 4.80 -1.40
N CYS A 29 4.17 3.57 -1.44
CA CYS A 29 3.14 3.21 -2.38
C CYS A 29 2.37 2.01 -1.81
N TYR A 30 1.19 1.78 -2.38
CA TYR A 30 0.36 0.66 -1.96
C TYR A 30 -0.65 0.38 -3.06
N PHE A 31 -0.95 -0.90 -3.26
CA PHE A 31 -2.00 -1.33 -4.18
C PHE A 31 -2.42 -2.74 -3.81
N PRO A 32 -3.63 -3.16 -4.17
CA PRO A 32 -4.05 -4.53 -3.87
C PRO A 32 -3.09 -5.54 -4.49
N SER A 33 -2.67 -6.50 -3.68
CA SER A 33 -1.69 -7.50 -4.08
C SER A 33 -2.31 -8.90 -3.96
N THR A 34 -1.56 -9.90 -4.39
CA THR A 34 -2.03 -11.27 -4.45
C THR A 34 -1.48 -12.07 -3.28
N ALA A 35 -2.36 -12.83 -2.62
CA ALA A 35 -1.97 -13.78 -1.59
C ALA A 35 -2.00 -15.18 -2.17
N VAL A 36 -1.07 -16.02 -1.74
CA VAL A 36 -0.95 -17.40 -2.22
C VAL A 36 -1.28 -18.34 -1.06
N PHE A 37 -2.17 -19.28 -1.32
CA PHE A 37 -2.59 -20.27 -0.33
C PHE A 37 -2.04 -21.63 -0.74
N VAL A 38 -1.24 -22.23 0.15
CA VAL A 38 -0.66 -23.55 -0.09
C VAL A 38 -1.24 -24.50 0.95
N ASP A 39 -2.14 -25.37 0.50
CA ASP A 39 -2.84 -26.27 1.41
C ASP A 39 -3.31 -27.50 0.63
N ASP A 40 -3.27 -28.66 1.29
CA ASP A 40 -3.68 -29.92 0.69
C ASP A 40 -5.09 -30.34 1.09
N SER A 41 -5.84 -29.45 1.72
CA SER A 41 -7.20 -29.74 2.16
C SER A 41 -8.16 -28.84 1.38
N ARG A 42 -8.85 -29.41 0.40
CA ARG A 42 -9.82 -28.62 -0.37
C ARG A 42 -11.00 -28.21 0.49
N ASP A 43 -11.38 -29.03 1.48
CA ASP A 43 -12.47 -28.67 2.37
C ASP A 43 -12.10 -27.47 3.24
N PHE A 44 -10.86 -27.41 3.71
CA PHE A 44 -10.42 -26.26 4.49
C PHE A 44 -10.37 -25.01 3.63
N LEU A 45 -9.88 -25.13 2.39
CA LEU A 45 -9.77 -23.97 1.51
C LEU A 45 -11.14 -23.44 1.13
N LEU A 46 -12.09 -24.33 0.82
CA LEU A 46 -13.44 -23.90 0.47
C LEU A 46 -14.09 -23.15 1.62
N ASN A 47 -13.95 -23.67 2.84
CA ASN A 47 -14.51 -22.98 4.01
C ASN A 47 -13.84 -21.63 4.22
N PHE A 48 -12.54 -21.53 3.89
CA PHE A 48 -11.79 -20.31 4.18
C PHE A 48 -12.02 -19.24 3.11
N VAL A 49 -11.80 -19.57 1.84
CA VAL A 49 -11.82 -18.55 0.80
C VAL A 49 -13.23 -18.00 0.60
N LEU A 50 -14.26 -18.78 0.92
CA LEU A 50 -15.62 -18.31 0.76
C LEU A 50 -16.08 -17.41 1.90
N GLN A 51 -15.30 -17.32 2.98
CA GLN A 51 -15.52 -16.32 4.01
C GLN A 51 -14.72 -15.04 3.77
N LEU A 52 -13.78 -15.07 2.82
CA LEU A 52 -12.97 -13.89 2.53
C LEU A 52 -13.83 -12.76 1.99
N ASP A 53 -13.40 -11.54 2.26
CA ASP A 53 -14.06 -10.38 1.68
C ASP A 53 -13.79 -10.31 0.19
N GLU A 54 -14.79 -9.91 -0.59
CA GLU A 54 -14.61 -9.75 -2.02
C GLU A 54 -13.63 -8.61 -2.29
N GLY A 55 -12.78 -8.79 -3.29
CA GLY A 55 -11.74 -7.83 -3.62
C GLY A 55 -10.33 -8.30 -3.33
N LEU A 56 -10.17 -9.48 -2.75
CA LEU A 56 -8.85 -10.06 -2.48
C LEU A 56 -8.50 -11.01 -3.61
N ALA A 57 -7.42 -10.71 -4.32
CA ALA A 57 -6.92 -11.61 -5.36
C ALA A 57 -6.05 -12.68 -4.71
N TYR A 58 -6.25 -13.93 -5.10
CA TYR A 58 -5.50 -15.03 -4.48
C TYR A 58 -5.31 -16.16 -5.49
N ARG A 59 -4.31 -16.99 -5.21
CA ARG A 59 -4.03 -18.19 -5.98
C ARG A 59 -3.84 -19.35 -5.02
N VAL A 60 -4.28 -20.54 -5.46
CA VAL A 60 -4.28 -21.73 -4.62
C VAL A 60 -3.40 -22.79 -5.25
N PHE A 61 -2.56 -23.43 -4.43
CA PHE A 61 -1.73 -24.54 -4.85
C PHE A 61 -1.89 -25.68 -3.84
N ASP A 62 -2.13 -26.89 -4.33
CA ASP A 62 -2.16 -28.07 -3.49
C ASP A 62 -0.80 -28.74 -3.36
N SER A 63 0.24 -28.16 -3.98
CA SER A 63 1.59 -28.71 -3.95
C SER A 63 2.57 -27.60 -3.60
N PRO A 64 3.46 -27.80 -2.62
CA PRO A 64 4.46 -26.77 -2.34
C PRO A 64 5.49 -26.62 -3.45
N PHE A 65 5.74 -27.67 -4.23
CA PHE A 65 6.70 -27.57 -5.32
C PHE A 65 6.18 -26.68 -6.43
N GLU A 66 4.91 -26.87 -6.82
CA GLU A 66 4.32 -26.01 -7.84
C GLU A 66 4.17 -24.57 -7.34
N ALA A 67 3.91 -24.40 -6.05
CA ALA A 67 3.82 -23.05 -5.50
C ALA A 67 5.18 -22.36 -5.54
N LEU A 68 6.26 -23.09 -5.23
CA LEU A 68 7.59 -22.51 -5.28
C LEU A 68 7.97 -22.15 -6.72
N ASP A 69 7.64 -23.02 -7.68
CA ASP A 69 7.96 -22.73 -9.07
C ASP A 69 7.23 -21.48 -9.56
N CYS A 70 5.97 -21.31 -9.14
CA CYS A 70 5.22 -20.13 -9.55
C CYS A 70 5.79 -18.86 -8.91
N ILE A 71 6.20 -18.94 -7.65
CA ILE A 71 6.78 -17.78 -6.97
C ILE A 71 8.12 -17.40 -7.61
N LYS A 72 8.92 -18.41 -7.97
CA LYS A 72 10.22 -18.12 -8.60
C LYS A 72 10.04 -17.51 -9.98
N GLN A 73 9.10 -18.02 -10.77
CA GLN A 73 8.87 -17.47 -12.11
C GLN A 73 8.18 -16.11 -12.06
N LYS A 74 7.47 -15.81 -10.98
CA LYS A 74 6.87 -14.48 -10.83
C LYS A 74 7.92 -13.43 -10.54
N ARG A 75 9.01 -13.81 -9.86
CA ARG A 75 10.10 -12.88 -9.57
C ARG A 75 10.87 -12.53 -10.84
N ASP A 105 14.27 9.12 -9.96
CA ASP A 105 13.79 10.14 -9.03
C ASP A 105 12.45 9.76 -8.41
N LEU A 106 11.79 10.72 -7.77
CA LEU A 106 10.58 10.43 -7.04
C LEU A 106 9.38 10.18 -7.95
N ALA A 107 9.40 10.69 -9.18
CA ALA A 107 8.28 10.50 -10.09
C ALA A 107 8.13 9.05 -10.53
N ALA A 108 9.16 8.22 -10.34
CA ALA A 108 9.09 6.83 -10.77
C ALA A 108 8.15 6.00 -9.91
N ILE A 109 7.77 6.50 -8.72
CA ILE A 109 6.90 5.72 -7.84
C ILE A 109 5.49 5.64 -8.43
N HIS A 110 4.91 6.78 -8.78
CA HIS A 110 3.55 6.77 -9.31
C HIS A 110 3.47 6.21 -10.72
N ALA A 111 4.61 6.04 -11.40
CA ALA A 111 4.60 5.41 -12.71
C ALA A 111 4.21 3.94 -12.64
N GLU A 112 4.25 3.34 -11.44
CA GLU A 112 3.84 1.95 -11.28
C GLU A 112 2.36 1.75 -11.58
N VAL A 113 1.56 2.81 -11.53
CA VAL A 113 0.13 2.70 -11.82
C VAL A 113 -0.11 2.34 -13.29
N TYR A 114 0.88 2.55 -14.16
CA TYR A 114 0.76 2.16 -15.56
C TYR A 114 1.13 0.70 -15.79
N ASN A 115 1.56 -0.01 -14.76
CA ASN A 115 1.85 -1.44 -14.85
C ASN A 115 0.56 -2.21 -14.61
N SER A 116 0.00 -2.79 -15.67
CA SER A 116 -1.26 -3.52 -15.55
C SER A 116 -1.12 -4.82 -14.78
N ARG A 117 0.11 -5.29 -14.54
CA ARG A 117 0.35 -6.52 -13.80
C ARG A 117 0.75 -6.27 -12.34
N ARG A 118 0.57 -5.04 -11.85
CA ARG A 118 1.01 -4.73 -10.49
C ARG A 118 0.18 -5.49 -9.45
N PHE A 119 -1.10 -5.73 -9.72
CA PHE A 119 -1.95 -6.42 -8.74
C PHE A 119 -1.55 -7.88 -8.57
N SER A 120 -0.87 -8.48 -9.55
CA SER A 120 -0.44 -9.86 -9.44
C SER A 120 0.81 -10.02 -8.56
N GLU A 121 1.33 -8.93 -8.00
CA GLU A 121 2.46 -9.02 -7.09
C GLU A 121 2.10 -9.87 -5.88
N ILE A 122 2.94 -10.86 -5.60
CA ILE A 122 2.70 -11.77 -4.48
C ILE A 122 3.30 -11.16 -3.22
N SER A 123 2.44 -10.84 -2.25
CA SER A 123 2.87 -10.19 -1.02
C SER A 123 2.80 -11.08 0.20
N VAL A 124 1.86 -12.02 0.25
CA VAL A 124 1.66 -12.88 1.42
C VAL A 124 1.44 -14.31 0.94
N VAL A 125 2.00 -15.27 1.69
CA VAL A 125 1.76 -16.69 1.45
C VAL A 125 1.20 -17.30 2.73
N VAL A 126 0.20 -18.16 2.56
CA VAL A 126 -0.38 -18.94 3.65
C VAL A 126 -0.10 -20.40 3.37
N VAL A 127 0.68 -21.04 4.23
CA VAL A 127 1.16 -22.39 3.99
C VAL A 127 0.85 -23.26 5.21
N ASP A 128 0.30 -24.44 4.95
CA ASP A 128 0.09 -25.44 6.00
C ASP A 128 1.42 -26.13 6.30
N TYR A 129 1.74 -26.28 7.58
CA TYR A 129 2.98 -26.95 7.95
C TYR A 129 2.97 -28.42 7.54
N ALA A 130 1.80 -29.05 7.58
CA ALA A 130 1.67 -30.48 7.28
C ALA A 130 1.50 -30.75 5.79
N MET A 131 2.05 -29.89 4.93
CA MET A 131 1.98 -30.15 3.50
C MET A 131 2.77 -31.41 3.15
N PRO A 132 2.24 -32.28 2.31
CA PRO A 132 3.01 -33.43 1.84
C PRO A 132 4.13 -32.99 0.90
N GLY A 133 5.21 -33.76 0.92
CA GLY A 133 6.35 -33.49 0.06
C GLY A 133 7.35 -32.53 0.67
N MET A 134 6.84 -31.46 1.29
CA MET A 134 7.71 -30.45 1.90
C MET A 134 6.93 -29.75 3.00
N ASP A 135 7.46 -29.74 4.22
CA ASP A 135 6.76 -29.12 5.33
C ASP A 135 6.70 -27.60 5.14
N GLY A 136 5.80 -26.97 5.89
CA GLY A 136 5.56 -25.54 5.71
C GLY A 136 6.76 -24.68 6.04
N LEU A 137 7.54 -25.07 7.04
CA LEU A 137 8.72 -24.27 7.40
C LEU A 137 9.80 -24.36 6.34
N GLU A 138 10.04 -25.56 5.80
CA GLU A 138 11.00 -25.71 4.70
C GLU A 138 10.55 -24.91 3.48
N PHE A 139 9.24 -24.85 3.25
CA PHE A 139 8.70 -24.03 2.18
C PHE A 139 9.08 -22.56 2.36
N CYS A 140 8.95 -22.07 3.60
CA CYS A 140 9.26 -20.66 3.87
C CYS A 140 10.75 -20.37 3.76
N ARG A 141 11.60 -21.36 4.08
CA ARG A 141 13.03 -21.15 3.96
C ARG A 141 13.46 -20.91 2.53
N ARG A 142 12.76 -21.51 1.57
CA ARG A 142 13.10 -21.40 0.16
C ARG A 142 12.50 -20.15 -0.50
N ILE A 143 11.85 -19.29 0.26
CA ILE A 143 11.40 -17.99 -0.24
C ILE A 143 11.74 -16.91 0.77
N GLU A 144 12.58 -17.25 1.76
CA GLU A 144 12.97 -16.26 2.75
C GLU A 144 13.93 -15.21 2.20
N ASP A 145 14.45 -15.42 0.99
CA ASP A 145 15.26 -14.39 0.35
C ASP A 145 14.39 -13.23 -0.16
N THR A 146 13.13 -13.51 -0.48
CA THR A 146 12.21 -12.46 -0.90
C THR A 146 11.65 -11.73 0.32
N ASN A 147 10.78 -10.76 0.08
CA ASN A 147 10.09 -10.03 1.13
C ASN A 147 8.63 -10.49 1.29
N ILE A 148 8.28 -11.64 0.73
CA ILE A 148 6.95 -12.20 0.95
C ILE A 148 6.77 -12.45 2.44
N LYS A 149 5.60 -12.09 2.95
CA LYS A 149 5.25 -12.36 4.34
C LYS A 149 4.62 -13.73 4.44
N LYS A 150 4.97 -14.48 5.49
CA LYS A 150 4.62 -15.88 5.61
C LYS A 150 3.66 -16.09 6.77
N ILE A 151 2.56 -16.79 6.51
CA ILE A 151 1.62 -17.23 7.53
C ILE A 151 1.68 -18.74 7.58
N LEU A 152 2.00 -19.29 8.75
CA LEU A 152 2.12 -20.73 8.91
C LEU A 152 0.90 -21.28 9.64
N LEU A 153 0.27 -22.30 9.06
CA LEU A 153 -0.85 -22.99 9.68
C LEU A 153 -0.29 -24.20 10.41
N THR A 154 -0.37 -24.20 11.74
CA THR A 154 0.29 -25.18 12.57
C THR A 154 -0.67 -26.28 13.01
N GLY A 155 -0.09 -27.42 13.35
CA GLY A 155 -0.82 -28.54 13.93
C GLY A 155 -0.78 -28.48 15.45
N GLN A 156 -1.22 -29.60 16.05
CA GLN A 156 -1.33 -29.65 17.50
C GLN A 156 0.05 -29.79 18.16
N ALA A 157 1.03 -30.35 17.44
CA ALA A 157 2.36 -30.59 17.97
C ALA A 157 3.42 -29.85 17.17
N ASP A 158 3.10 -28.65 16.70
CA ASP A 158 4.01 -27.85 15.88
C ASP A 158 4.24 -26.46 16.45
N GLU A 159 3.74 -26.18 17.65
CA GLU A 159 3.80 -24.80 18.17
C GLU A 159 5.22 -24.39 18.50
N LYS A 160 6.01 -25.30 19.08
CA LYS A 160 7.38 -24.96 19.44
C LYS A 160 8.23 -24.69 18.22
N LEU A 161 8.05 -25.49 17.16
CA LEU A 161 8.79 -25.25 15.92
C LEU A 161 8.37 -23.93 15.27
N ALA A 162 7.09 -23.58 15.37
CA ALA A 162 6.63 -22.32 14.79
C ALA A 162 7.10 -21.12 15.60
N ILE A 163 7.19 -21.26 16.92
CA ILE A 163 7.67 -20.17 17.76
C ILE A 163 9.11 -19.83 17.41
N ALA A 164 9.96 -20.85 17.25
CA ALA A 164 11.35 -20.60 16.90
C ALA A 164 11.45 -19.94 15.54
N ALA A 165 10.64 -20.40 14.57
CA ALA A 165 10.67 -19.78 13.24
C ALA A 165 10.18 -18.34 13.30
N PHE A 166 9.19 -18.06 14.14
CA PHE A 166 8.71 -16.69 14.29
C PHE A 166 9.76 -15.79 14.93
N ASN A 167 10.49 -16.31 15.92
CA ASN A 167 11.52 -15.51 16.56
C ASN A 167 12.70 -15.24 15.63
N GLU A 168 13.02 -16.18 14.75
CA GLU A 168 14.11 -16.02 13.80
C GLU A 168 13.73 -15.14 12.61
N GLY A 169 12.46 -14.77 12.48
CA GLY A 169 12.02 -13.99 11.34
C GLY A 169 11.73 -14.81 10.10
N LEU A 170 11.76 -16.14 10.20
CA LEU A 170 11.45 -16.98 9.04
C LEU A 170 9.98 -16.82 8.64
N ILE A 171 9.07 -16.85 9.60
CA ILE A 171 7.66 -16.60 9.37
C ILE A 171 7.26 -15.34 10.12
N HIS A 172 6.11 -14.77 9.75
CA HIS A 172 5.60 -13.57 10.37
C HIS A 172 4.31 -13.79 11.14
N ARG A 173 3.75 -14.99 11.10
CA ARG A 173 2.50 -15.31 11.77
C ARG A 173 2.31 -16.81 11.77
N TYR A 174 1.87 -17.37 12.89
CA TYR A 174 1.51 -18.78 12.97
C TYR A 174 0.14 -18.89 13.64
N ILE A 175 -0.73 -19.69 13.02
CA ILE A 175 -2.11 -19.86 13.48
C ILE A 175 -2.41 -21.35 13.51
N LYS A 176 -3.00 -21.82 14.62
CA LYS A 176 -3.44 -23.20 14.68
C LYS A 176 -4.53 -23.44 13.64
N LYS A 177 -4.33 -24.46 12.80
CA LYS A 177 -5.29 -24.72 11.72
C LYS A 177 -6.64 -25.15 12.27
N SER A 178 -6.66 -25.78 13.45
CA SER A 178 -7.89 -26.21 14.09
C SER A 178 -8.52 -25.15 14.97
N ASP A 179 -7.96 -23.94 15.00
CA ASP A 179 -8.54 -22.86 15.79
C ASP A 179 -9.95 -22.56 15.29
N PRO A 180 -10.94 -22.44 16.17
CA PRO A 180 -12.30 -22.12 15.70
C PRO A 180 -12.39 -20.82 14.92
N ASP A 181 -11.49 -19.87 15.18
CA ASP A 181 -11.47 -18.60 14.48
C ASP A 181 -10.39 -18.55 13.40
N VAL A 182 -9.98 -19.69 12.87
CA VAL A 182 -8.84 -19.73 11.96
C VAL A 182 -9.11 -18.92 10.71
N ALA A 183 -10.36 -18.94 10.21
CA ALA A 183 -10.67 -18.24 8.98
C ALA A 183 -10.51 -16.73 9.14
N SER A 184 -11.03 -16.18 10.24
CA SER A 184 -10.93 -14.74 10.47
C SER A 184 -9.52 -14.34 10.88
N LEU A 185 -8.79 -15.22 11.58
CA LEU A 185 -7.43 -14.90 11.97
C LEU A 185 -6.51 -14.81 10.76
N ILE A 186 -6.68 -15.72 9.79
CA ILE A 186 -5.89 -15.65 8.56
C ILE A 186 -6.23 -14.40 7.78
N THR A 187 -7.54 -14.09 7.66
CA THR A 187 -7.96 -12.92 6.90
C THR A 187 -7.37 -11.64 7.47
N GLN A 188 -7.38 -11.50 8.81
CA GLN A 188 -6.82 -10.30 9.42
C GLN A 188 -5.31 -10.25 9.25
N SER A 189 -4.63 -11.39 9.34
CA SER A 189 -3.19 -11.42 9.15
C SER A 189 -2.79 -11.12 7.71
N ILE A 190 -3.64 -11.50 6.75
CA ILE A 190 -3.37 -11.15 5.36
C ILE A 190 -3.37 -9.64 5.18
N HIS A 191 -4.38 -8.97 5.72
CA HIS A 191 -4.45 -7.51 5.63
C HIS A 191 -3.27 -6.86 6.33
N ASP A 192 -2.90 -7.37 7.51
CA ASP A 192 -1.79 -6.79 8.26
C ASP A 192 -0.47 -6.98 7.52
N LEU A 193 -0.24 -8.17 6.97
CA LEU A 193 1.04 -8.45 6.33
C LEU A 193 1.15 -7.88 4.93
N GLN A 194 0.03 -7.65 4.24
CA GLN A 194 0.10 -6.94 2.96
C GLN A 194 0.53 -5.49 3.16
N LEU A 195 0.14 -4.89 4.29
CA LEU A 195 0.66 -3.56 4.63
C LEU A 195 2.15 -3.63 4.95
N GLN A 196 2.55 -4.62 5.75
CA GLN A 196 3.96 -4.77 6.08
C GLN A 196 4.80 -5.05 4.84
N TYR A 197 4.23 -5.69 3.83
CA TYR A 197 4.95 -5.93 2.59
C TYR A 197 5.36 -4.62 1.93
N PHE A 198 4.42 -3.68 1.81
CA PHE A 198 4.74 -2.40 1.19
C PHE A 198 5.55 -1.51 2.12
N GLN A 199 5.44 -1.71 3.44
CA GLN A 199 6.32 -1.01 4.37
C GLN A 199 7.76 -1.46 4.18
N SER A 200 7.98 -2.76 4.00
CA SER A 200 9.32 -3.26 3.68
C SER A 200 9.77 -2.80 2.29
N MET A 201 8.84 -2.68 1.34
CA MET A 201 9.18 -2.13 0.03
C MET A 201 9.64 -0.69 0.12
N SER A 202 9.11 0.06 1.09
CA SER A 202 9.44 1.48 1.19
C SER A 202 10.92 1.69 1.49
N ASP A 203 11.55 0.75 2.20
CA ASP A 203 12.97 0.86 2.49
C ASP A 203 13.79 0.87 1.21
N MET A 204 13.57 -0.12 0.34
CA MET A 204 14.38 -0.23 -0.87
C MET A 204 14.02 0.86 -1.89
N ILE A 205 12.78 1.32 -1.89
CA ILE A 205 12.36 2.32 -2.87
C ILE A 205 13.09 3.64 -2.64
N VAL A 206 13.10 4.11 -1.39
CA VAL A 206 13.78 5.37 -1.09
C VAL A 206 15.29 5.21 -1.26
N ARG A 207 15.82 4.00 -1.11
CA ARG A 207 17.24 3.78 -1.37
C ARG A 207 17.53 3.75 -2.86
N MET A 208 16.70 3.03 -3.63
CA MET A 208 16.94 2.92 -5.07
C MET A 208 16.86 4.28 -5.75
N LEU A 209 15.93 5.13 -5.31
CA LEU A 209 15.71 6.43 -5.92
C LEU A 209 16.60 7.52 -5.31
N SER A 210 17.41 7.18 -4.31
CA SER A 210 18.33 8.13 -3.67
C SER A 210 17.59 9.36 -3.14
N VAL A 211 16.44 9.13 -2.50
CA VAL A 211 15.63 10.19 -1.96
C VAL A 211 15.44 9.95 -0.47
N THR A 212 15.06 11.02 0.23
CA THR A 212 14.74 10.95 1.65
C THR A 212 13.22 10.97 1.83
N SER A 213 12.72 10.11 2.69
CA SER A 213 11.29 9.98 2.89
C SER A 213 10.74 11.21 3.62
N PRO A 214 9.54 11.67 3.27
CA PRO A 214 8.89 12.71 4.07
C PRO A 214 8.63 12.21 5.49
N ASN A 215 8.73 13.12 6.46
CA ASN A 215 8.59 12.73 7.86
C ASN A 215 7.17 12.27 8.17
N CYS A 216 6.18 12.75 7.43
CA CYS A 216 4.79 12.38 7.71
C CYS A 216 4.52 10.90 7.49
N LEU A 217 5.38 10.22 6.71
CA LEU A 217 5.18 8.78 6.48
C LEU A 217 5.43 7.98 7.74
N HIS A 218 6.25 8.48 8.65
CA HIS A 218 6.55 7.81 9.91
C HIS A 218 5.70 8.31 11.06
N ASP A 219 4.78 9.24 10.81
CA ASP A 219 3.96 9.83 11.86
C ASP A 219 2.77 8.91 12.13
N LYS A 220 2.73 8.32 13.32
CA LYS A 220 1.71 7.31 13.62
C LYS A 220 0.32 7.94 13.73
N LYS A 221 0.20 9.08 14.41
CA LYS A 221 -1.09 9.76 14.50
C LYS A 221 -1.58 10.19 13.13
N TYR A 222 -0.70 10.80 12.33
CA TYR A 222 -1.09 11.25 10.99
C TYR A 222 -1.39 10.07 10.07
N ALA A 223 -0.70 8.94 10.26
CA ALA A 223 -0.97 7.77 9.42
C ALA A 223 -2.38 7.24 9.65
N GLU A 224 -2.84 7.23 10.90
CA GLU A 224 -4.21 6.81 11.17
C GLU A 224 -5.20 7.73 10.47
N LEU A 225 -4.92 9.04 10.46
CA LEU A 225 -5.76 9.96 9.70
C LEU A 225 -5.67 9.65 8.20
N PHE A 226 -4.46 9.33 7.72
CA PHE A 226 -4.28 9.02 6.31
C PHE A 226 -5.09 7.80 5.90
N TRP A 227 -4.97 6.70 6.66
CA TRP A 227 -5.65 5.46 6.28
C TRP A 227 -7.16 5.58 6.42
N ARG A 228 -7.63 6.33 7.43
CA ARG A 228 -9.07 6.51 7.58
C ARG A 228 -9.64 7.39 6.47
N LEU A 229 -8.86 8.37 6.00
CA LEU A 229 -9.30 9.16 4.85
C LEU A 229 -9.35 8.31 3.59
N CYS A 230 -8.39 7.39 3.42
CA CYS A 230 -8.42 6.48 2.28
C CYS A 230 -9.70 5.65 2.28
N ARG A 231 -10.13 5.19 3.45
CA ARG A 231 -11.36 4.41 3.54
C ARG A 231 -12.59 5.28 3.29
N GLU A 232 -12.54 6.55 3.71
CA GLU A 232 -13.68 7.44 3.47
C GLU A 232 -13.86 7.72 1.98
N LYS A 233 -12.77 7.80 1.22
CA LYS A 233 -12.82 8.14 -0.19
C LYS A 233 -12.78 6.92 -1.10
N GLY A 234 -12.80 5.72 -0.54
CA GLY A 234 -12.76 4.52 -1.35
C GLY A 234 -11.46 4.28 -2.08
N ILE A 235 -10.35 4.74 -1.51
CA ILE A 235 -9.05 4.60 -2.14
C ILE A 235 -8.54 3.18 -1.94
N VAL A 236 -8.10 2.55 -3.03
CA VAL A 236 -7.52 1.21 -2.96
C VAL A 236 -6.03 1.20 -3.25
N GLU A 237 -5.49 2.23 -3.91
CA GLU A 237 -4.07 2.29 -4.21
C GLU A 237 -3.63 3.74 -4.18
N PHE A 238 -2.41 3.98 -3.70
CA PHE A 238 -1.85 5.31 -3.65
C PHE A 238 -0.35 5.26 -3.89
N TYR A 239 0.21 6.40 -4.31
CA TYR A 239 1.61 6.50 -4.68
C TYR A 239 2.13 7.87 -4.28
N LEU A 240 3.31 7.89 -3.66
CA LEU A 240 3.92 9.14 -3.23
C LEU A 240 4.17 10.05 -4.43
N ALA A 241 3.81 11.32 -4.29
CA ALA A 241 3.81 12.25 -5.41
C ALA A 241 4.90 13.31 -5.34
N ASP A 242 5.24 13.81 -4.15
CA ASP A 242 6.28 14.84 -4.04
C ASP A 242 7.05 14.63 -2.75
N ASN A 243 8.05 15.49 -2.53
CA ASN A 243 8.94 15.38 -1.39
C ASN A 243 8.26 15.73 -0.07
N SER A 244 7.07 16.35 -0.12
CA SER A 244 6.41 16.81 1.10
C SER A 244 5.39 15.81 1.64
N GLY A 245 5.07 14.76 0.89
CA GLY A 245 4.12 13.76 1.32
C GLY A 245 2.80 13.75 0.57
N SER A 246 2.70 14.41 -0.57
CA SER A 246 1.50 14.31 -1.38
C SER A 246 1.41 12.93 -2.01
N PHE A 247 0.18 12.50 -2.28
CA PHE A 247 -0.08 11.15 -2.77
C PHE A 247 -1.07 11.18 -3.92
N LEU A 248 -0.71 10.51 -5.01
CA LEU A 248 -1.67 10.18 -6.06
C LEU A 248 -2.54 9.04 -5.57
N MET A 249 -3.86 9.21 -5.65
CA MET A 249 -4.81 8.23 -5.12
C MET A 249 -5.79 7.80 -6.19
N LEU A 250 -6.18 6.52 -6.13
CA LEU A 250 -7.11 5.94 -7.08
C LEU A 250 -8.08 5.03 -6.36
N ASP A 251 -9.33 5.00 -6.82
CA ASP A 251 -10.30 4.04 -6.33
C ASP A 251 -10.25 2.79 -7.22
N ASP A 252 -11.18 1.85 -6.98
CA ASP A 252 -11.16 0.61 -7.74
C ASP A 252 -11.54 0.79 -9.21
N ASP A 253 -12.08 1.96 -9.57
CA ASP A 253 -12.35 2.28 -10.97
C ASP A 253 -11.29 3.21 -11.56
N ALA A 254 -10.15 3.36 -10.88
CA ALA A 254 -9.02 4.17 -11.36
C ALA A 254 -9.39 5.65 -11.50
N ASN A 255 -10.31 6.13 -10.68
CA ASN A 255 -10.60 7.56 -10.64
C ASN A 255 -9.46 8.27 -9.91
N ILE A 256 -9.00 9.37 -10.49
CA ILE A 256 -7.79 10.04 -10.02
C ILE A 256 -8.13 11.07 -8.95
N SER A 257 -7.32 11.12 -7.90
CA SER A 257 -7.43 12.15 -6.87
C SER A 257 -6.07 12.31 -6.21
N PHE A 258 -5.89 13.44 -5.53
CA PHE A 258 -4.64 13.76 -4.87
C PHE A 258 -4.89 14.22 -3.45
N LEU A 259 -3.97 13.83 -2.55
CA LEU A 259 -3.91 14.35 -1.20
C LEU A 259 -2.66 15.23 -1.14
N ILE A 260 -2.84 16.53 -1.30
CA ILE A 260 -1.72 17.48 -1.32
C ILE A 260 -1.33 17.79 0.11
N VAL A 261 -0.06 17.58 0.45
CA VAL A 261 0.44 17.73 1.81
C VAL A 261 1.58 18.75 1.81
N LYS A 262 1.54 19.66 2.76
CA LYS A 262 2.57 20.68 2.94
C LYS A 262 2.98 20.74 4.40
N ASN A 263 4.29 20.83 4.63
CA ASN A 263 4.80 21.08 5.98
C ASN A 263 5.02 22.58 6.17
N GLU A 264 5.38 22.95 7.41
CA GLU A 264 5.55 24.37 7.72
C GLU A 264 6.72 24.98 6.96
N ALA A 265 7.74 24.19 6.64
CA ALA A 265 8.83 24.70 5.82
C ALA A 265 8.36 25.01 4.41
N ASP A 266 7.48 24.19 3.86
CA ASP A 266 6.94 24.45 2.53
C ASP A 266 6.04 25.68 2.53
N MET A 267 5.22 25.85 3.57
CA MET A 267 4.33 27.00 3.65
C MET A 267 5.13 28.30 3.71
N GLN A 268 6.23 28.30 4.45
CA GLN A 268 7.08 29.49 4.51
C GLN A 268 7.73 29.77 3.15
N LEU A 269 8.10 28.71 2.42
CA LEU A 269 8.68 28.90 1.10
C LEU A 269 7.65 29.47 0.13
N HIS A 270 6.41 28.99 0.19
CA HIS A 270 5.37 29.51 -0.68
C HIS A 270 5.01 30.94 -0.33
N TYR A 271 5.03 31.28 0.96
CA TYR A 271 4.76 32.66 1.36
C TYR A 271 5.88 33.59 0.89
N ASP A 272 7.13 33.12 0.96
CA ASP A 272 8.24 33.94 0.50
C ASP A 272 8.20 34.12 -1.02
N LEU A 273 7.79 33.09 -1.75
CA LEU A 273 7.66 33.22 -3.21
C LEU A 273 6.56 34.21 -3.56
N ALA A 274 5.40 34.10 -2.91
CA ALA A 274 4.32 35.04 -3.17
C ALA A 274 4.69 36.45 -2.74
N LEU A 275 5.49 36.59 -1.68
CA LEU A 275 5.93 37.91 -1.25
C LEU A 275 6.95 38.48 -2.22
N ASP A 276 7.89 37.66 -2.69
CA ASP A 276 8.87 38.13 -3.67
C ASP A 276 8.23 38.39 -5.02
N ASN A 277 7.15 37.68 -5.34
CA ASN A 277 6.45 37.87 -6.61
C ASN A 277 5.40 38.98 -6.53
N GLY A 278 5.02 39.40 -5.34
CA GLY A 278 4.03 40.46 -5.19
C GLY A 278 2.62 40.01 -5.48
N ALA A 279 2.14 39.04 -4.70
CA ALA A 279 0.80 38.50 -4.90
C ALA A 279 -0.24 39.42 -4.27
N SER A 280 -1.51 39.04 -4.39
CA SER A 280 -2.58 39.83 -3.83
C SER A 280 -2.51 39.83 -2.30
N GLY A 281 -3.17 40.81 -1.70
CA GLY A 281 -3.12 40.94 -0.25
C GLY A 281 -3.72 39.76 0.48
N ASP A 282 -4.78 39.18 -0.09
CA ASP A 282 -5.39 38.00 0.53
C ASP A 282 -4.50 36.78 0.41
N VAL A 283 -3.73 36.66 -0.68
CA VAL A 283 -2.87 35.50 -0.86
C VAL A 283 -1.80 35.44 0.23
N LEU A 284 -1.20 36.60 0.55
CA LEU A 284 -0.17 36.63 1.59
C LEU A 284 -0.76 36.26 2.95
N ASP A 285 -1.98 36.72 3.24
CA ASP A 285 -2.61 36.40 4.52
C ASP A 285 -3.01 34.93 4.59
N GLN A 286 -3.44 34.36 3.46
CA GLN A 286 -3.85 32.97 3.46
C GLN A 286 -2.66 32.03 3.59
N LEU A 287 -1.56 32.35 2.91
CA LEU A 287 -0.36 31.50 3.02
C LEU A 287 0.33 31.67 4.36
N HIS A 288 0.30 32.88 4.93
CA HIS A 288 0.95 33.10 6.23
C HIS A 288 0.19 32.40 7.34
N ASN A 289 -1.14 32.49 7.35
CA ASN A 289 -1.96 31.86 8.37
C ASN A 289 -2.15 30.37 8.13
N GLY A 290 -1.80 29.87 6.94
CA GLY A 290 -2.01 28.47 6.64
C GLY A 290 -3.45 28.12 6.30
N GLU A 291 -4.26 29.09 5.89
CA GLU A 291 -5.65 28.81 5.57
C GLU A 291 -5.77 28.00 4.28
N LYS A 292 -4.91 28.28 3.30
CA LYS A 292 -4.92 27.58 2.03
C LYS A 292 -3.52 27.11 1.68
N ILE A 293 -3.45 26.11 0.82
CA ILE A 293 -2.17 25.57 0.36
C ILE A 293 -2.12 25.59 -1.16
N PRO A 294 -0.94 25.75 -1.76
CA PRO A 294 -0.85 25.68 -3.23
C PRO A 294 -1.20 24.29 -3.74
N CYS A 295 -1.88 24.26 -4.88
CA CYS A 295 -2.29 23.01 -5.50
C CYS A 295 -1.60 22.78 -6.85
N PHE A 296 -0.45 23.42 -7.07
CA PHE A 296 0.30 23.25 -8.31
C PHE A 296 1.57 22.45 -8.04
N TRP A 297 2.26 22.11 -9.13
CA TRP A 297 3.48 21.32 -9.06
C TRP A 297 4.71 22.19 -9.34
N VAL A 302 8.40 25.76 -10.68
CA VAL A 302 7.43 26.58 -11.38
C VAL A 302 6.66 27.44 -10.39
N THR A 303 6.65 28.75 -10.62
CA THR A 303 5.97 29.70 -9.77
C THR A 303 4.85 30.38 -10.53
N PRO A 304 3.63 30.44 -9.98
CA PRO A 304 2.54 31.09 -10.69
C PRO A 304 2.71 32.59 -10.75
N GLN A 305 1.95 33.21 -11.64
CA GLN A 305 2.00 34.66 -11.79
C GLN A 305 1.41 35.35 -10.56
N TRP A 306 1.72 36.64 -10.43
CA TRP A 306 1.25 37.39 -9.27
C TRP A 306 -0.27 37.51 -9.25
N ASN A 307 -0.91 37.41 -10.41
CA ASN A 307 -2.36 37.48 -10.52
C ASN A 307 -3.00 36.09 -10.58
N GLU A 308 -2.21 35.03 -10.59
CA GLU A 308 -2.72 33.67 -10.71
C GLU A 308 -2.81 32.93 -9.37
N TRP A 309 -2.33 33.53 -8.28
CA TRP A 309 -2.40 32.88 -6.98
C TRP A 309 -3.82 32.71 -6.45
N SER A 310 -4.81 33.30 -7.13
CA SER A 310 -6.18 33.26 -6.61
C SER A 310 -6.74 31.84 -6.63
N ASN A 311 -6.86 31.24 -7.81
CA ASN A 311 -7.44 29.91 -7.95
C ASN A 311 -6.39 28.80 -7.94
N CYS A 312 -5.14 29.12 -7.66
CA CYS A 312 -4.11 28.11 -7.45
C CYS A 312 -4.00 27.70 -5.99
N LEU A 313 -4.96 28.10 -5.15
CA LEU A 313 -4.97 27.76 -3.74
C LEU A 313 -6.24 26.99 -3.40
N VAL A 314 -6.13 26.09 -2.44
CA VAL A 314 -7.25 25.25 -2.00
C VAL A 314 -7.30 25.29 -0.47
N PRO A 315 -8.48 25.41 0.13
CA PRO A 315 -8.56 25.39 1.60
C PRO A 315 -7.94 24.12 2.16
N ALA A 316 -7.23 24.28 3.27
CA ALA A 316 -6.43 23.19 3.84
C ALA A 316 -6.83 22.92 5.28
N ASN A 317 -6.66 21.67 5.70
CA ASN A 317 -6.80 21.27 7.08
C ASN A 317 -5.43 21.25 7.75
N ARG A 318 -5.39 21.62 9.02
CA ARG A 318 -4.16 21.59 9.81
C ARG A 318 -4.20 20.38 10.74
N PHE A 319 -3.12 19.60 10.73
CA PHE A 319 -2.98 18.43 11.58
C PHE A 319 -1.68 18.52 12.35
N VAL A 320 -1.78 18.59 13.67
CA VAL A 320 -0.61 18.74 14.54
C VAL A 320 -0.30 17.39 15.15
N SER A 321 0.89 16.87 14.86
CA SER A 321 1.35 15.60 15.42
C SER A 321 2.83 15.69 15.77
N ASP A 322 3.66 14.84 15.17
CA ASP A 322 5.11 14.98 15.34
C ASP A 322 5.58 16.33 14.82
N GLU A 323 4.95 16.82 13.76
CA GLU A 323 5.10 18.21 13.33
C GLU A 323 3.77 18.64 12.74
N THR A 324 3.70 19.90 12.29
CA THR A 324 2.46 20.45 11.77
C THR A 324 2.36 20.24 10.27
N TYR A 325 1.26 19.64 9.82
CA TYR A 325 1.01 19.39 8.41
C TYR A 325 -0.21 20.17 7.95
N PHE A 326 -0.20 20.57 6.69
CA PHE A 326 -1.33 21.19 6.03
C PHE A 326 -1.67 20.38 4.79
N TYR A 327 -2.92 19.91 4.69
CA TYR A 327 -3.29 19.02 3.62
C TYR A 327 -4.67 19.37 3.08
N ALA A 328 -4.96 18.85 1.88
CA ALA A 328 -6.26 18.98 1.25
C ALA A 328 -6.43 17.83 0.27
N TYR A 329 -7.61 17.20 0.29
CA TYR A 329 -7.94 16.13 -0.63
C TYR A 329 -8.72 16.71 -1.80
N VAL A 330 -8.16 16.57 -3.00
CA VAL A 330 -8.74 17.16 -4.21
C VAL A 330 -9.01 16.07 -5.22
N GLN A 331 -10.11 16.20 -5.95
CA GLN A 331 -10.48 15.26 -6.99
C GLN A 331 -9.81 15.64 -8.31
N GLY A 332 -9.52 14.63 -9.12
CA GLY A 332 -8.95 14.85 -10.44
C GLY A 332 -7.44 14.89 -10.41
N ALA A 333 -6.86 14.95 -11.62
CA ALA A 333 -5.41 15.03 -11.80
C ALA A 333 -4.99 16.49 -11.64
N VAL A 334 -4.67 16.87 -10.41
CA VAL A 334 -4.37 18.25 -10.07
C VAL A 334 -2.87 18.53 -10.09
N LEU A 335 -2.08 17.67 -9.46
CA LEU A 335 -0.64 17.92 -9.37
C LEU A 335 0.04 17.77 -10.72
N PHE A 336 -0.20 16.65 -11.39
CA PHE A 336 0.41 16.41 -12.69
C PHE A 336 -0.53 15.60 -13.56
N ASP A 337 -0.16 15.46 -14.83
CA ASP A 337 -0.99 14.76 -15.78
C ASP A 337 -0.91 13.25 -15.55
N VAL A 338 -2.06 12.58 -15.66
CA VAL A 338 -2.16 11.14 -15.51
C VAL A 338 -2.98 10.61 -16.68
N ARG A 339 -2.38 9.69 -17.45
CA ARG A 339 -3.06 9.12 -18.61
C ARG A 339 -4.00 8.02 -18.13
N LEU A 340 -5.30 8.35 -18.07
CA LEU A 340 -6.30 7.37 -17.65
C LEU A 340 -6.46 6.24 -18.67
N ASP A 341 -6.12 6.49 -19.93
CA ASP A 341 -6.29 5.47 -20.97
C ASP A 341 -5.25 4.37 -20.89
N LYS A 342 -4.18 4.55 -20.10
CA LYS A 342 -3.14 3.53 -19.96
C LYS A 342 -3.11 2.94 -18.55
N ILE A 343 -4.21 3.02 -17.83
CA ILE A 343 -4.29 2.51 -16.46
C ILE A 343 -5.39 1.45 -16.40
N LEU A 344 -5.02 0.26 -15.94
CA LEU A 344 -5.97 -0.82 -15.70
C LEU A 344 -6.47 -0.72 -14.27
N SER A 345 -7.76 -0.45 -14.10
CA SER A 345 -8.34 -0.35 -12.77
C SER A 345 -8.32 -1.71 -12.08
N TYR A 346 -8.42 -1.68 -10.74
CA TYR A 346 -8.40 -2.92 -9.99
C TYR A 346 -9.69 -3.72 -10.20
N HIS A 347 -10.82 -3.02 -10.34
CA HIS A 347 -12.07 -3.71 -10.60
C HIS A 347 -12.02 -4.45 -11.94
N GLN A 348 -11.42 -3.83 -12.95
CA GLN A 348 -11.28 -4.49 -14.24
C GLN A 348 -10.27 -5.61 -14.20
N TYR A 349 -9.25 -5.50 -13.32
CA TYR A 349 -8.30 -6.59 -13.15
C TYR A 349 -8.98 -7.82 -12.57
N LEU A 350 -9.85 -7.64 -11.58
CA LEU A 350 -10.57 -8.77 -11.00
C LEU A 350 -11.54 -9.39 -12.00
N GLU A 351 -12.15 -8.56 -12.87
CA GLU A 351 -13.05 -9.09 -13.89
C GLU A 351 -12.27 -9.83 -14.97
N GLU A 352 -11.07 -9.38 -15.30
CA GLU A 352 -10.25 -9.99 -16.34
C GLU A 352 -9.49 -11.22 -15.85
N LEU A 353 -9.71 -11.66 -14.62
CA LEU A 353 -9.09 -12.88 -14.14
C LEU A 353 -9.64 -14.08 -14.91
N ASP A 354 -8.74 -14.87 -15.48
CA ASP A 354 -9.14 -16.00 -16.30
C ASP A 354 -9.71 -17.11 -15.41
N ALA A 355 -10.89 -17.62 -15.79
CA ALA A 355 -11.56 -18.65 -15.00
C ALA A 355 -10.85 -20.00 -15.06
N GLU A 356 -9.90 -20.18 -15.99
CA GLU A 356 -9.17 -21.43 -16.05
C GLU A 356 -8.30 -21.64 -14.81
N GLU A 357 -7.53 -20.63 -14.44
CA GLU A 357 -6.64 -20.71 -13.28
C GLU A 357 -7.29 -20.13 -12.02
N MET A 358 -8.56 -20.42 -11.80
CA MET A 358 -9.27 -20.00 -10.60
C MET A 358 -9.54 -21.20 -9.70
N PHE A 359 -9.48 -20.97 -8.38
CA PHE A 359 -9.83 -22.02 -7.44
C PHE A 359 -11.33 -22.31 -7.48
N LEU A 360 -12.14 -21.27 -7.63
CA LEU A 360 -13.60 -21.40 -7.72
C LEU A 360 -13.97 -21.42 -9.20
N ASN A 361 -14.31 -22.61 -9.70
CA ASN A 361 -14.68 -22.77 -11.10
C ASN A 361 -15.95 -23.61 -11.25
#